data_4LHS
#
_entry.id   4LHS
#
_cell.length_a   87.890
_cell.length_b   71.573
_cell.length_c   63.102
_cell.angle_alpha   90.000
_cell.angle_beta   125.890
_cell.angle_gamma   90.000
#
_symmetry.space_group_name_H-M   'C 1 2 1'
#
loop_
_entity.id
_entity.type
_entity.pdbx_description
1 polymer 'Uncharacterized protein'
2 non-polymer DI(HYDROXYETHYL)ETHER
3 non-polymer GLYCEROL
4 water water
#
_entity_poly.entity_id   1
_entity_poly.type   'polypeptide(L)'
_entity_poly.pdbx_seq_one_letter_code
;GQQKDNITYVPAQELLLVGKATTEGEYFHRVDTAKYRT(MSE)PPTVKKLFTNSAGLAISFTTNSPVIKAKW(MSE)VPD
NYQLPNLTRVAQKGLDLYIKRDGKWQFAGVGIPGGVTTEKVLVDN(MSE)GTEEKECLLYLPLYDELKSLEIGVSSDAHI
RKGENPFKEKIVVYGSSILQGASASRPG(MSE)AYPARLSRSSGYNFINLGLSGNGK(MSE)EKEVAE(MSE)LADIDAD
AFILDCIPNPSPKEITDRTVDFV(MSE)TLRQKHPDTPIIVIQTLIRETGNFNQKARENVKRQNEAIAEQVEVLRKKNVK
NLYFIKEDQFLGTDHEGTVDGTHPNDLGFDR(MSE)LKKYKPAISKILKIKFKAE
;
_entity_poly.pdbx_strand_id   A
#
# COMPACT_ATOMS: atom_id res chain seq x y z
N ASN A 6 14.69 -23.80 20.31
CA ASN A 6 14.50 -24.67 19.14
C ASN A 6 13.45 -24.02 18.22
N ILE A 7 13.96 -23.30 17.22
CA ILE A 7 13.12 -22.62 16.20
C ILE A 7 13.32 -23.21 14.80
N THR A 8 12.23 -23.57 14.16
CA THR A 8 12.21 -24.02 12.78
C THR A 8 11.77 -22.87 11.88
N TYR A 9 12.54 -22.59 10.84
CA TYR A 9 12.23 -21.54 9.88
C TYR A 9 11.74 -22.09 8.57
N VAL A 10 10.76 -21.42 7.99
CA VAL A 10 10.21 -21.72 6.68
CA VAL A 10 10.27 -21.73 6.65
C VAL A 10 10.35 -20.47 5.80
N PRO A 11 10.83 -20.61 4.54
CA PRO A 11 10.81 -19.44 3.67
C PRO A 11 9.43 -18.94 3.35
N ALA A 12 9.29 -17.63 3.22
CA ALA A 12 7.99 -17.05 2.89
C ALA A 12 7.44 -17.55 1.57
N GLN A 13 8.33 -17.96 0.66
CA GLN A 13 7.95 -18.53 -0.64
C GLN A 13 7.13 -19.83 -0.52
N GLU A 14 7.22 -20.48 0.64
CA GLU A 14 6.39 -21.66 0.93
C GLU A 14 5.04 -21.32 1.53
N LEU A 15 4.82 -20.03 1.81
CA LEU A 15 3.56 -19.58 2.38
C LEU A 15 2.78 -18.80 1.29
N LEU A 16 1.78 -18.00 1.66
CA LEU A 16 0.97 -17.31 0.66
C LEU A 16 1.29 -15.80 0.64
N LEU A 17 1.69 -15.31 -0.54
CA LEU A 17 1.89 -13.90 -0.76
C LEU A 17 0.54 -13.23 -1.07
N VAL A 18 0.28 -12.17 -0.34
CA VAL A 18 -0.95 -11.41 -0.43
C VAL A 18 -0.65 -9.97 -0.86
N GLY A 19 -1.52 -9.40 -1.70
CA GLY A 19 -1.46 -8.00 -2.08
C GLY A 19 -0.78 -7.67 -3.38
N LYS A 20 -0.32 -8.68 -4.12
CA LYS A 20 0.41 -8.42 -5.37
C LYS A 20 -0.55 -8.48 -6.56
N ALA A 21 -0.38 -7.53 -7.48
CA ALA A 21 -1.30 -7.37 -8.60
C ALA A 21 -1.24 -8.57 -9.56
N THR A 22 -0.07 -9.19 -9.67
CA THR A 22 0.19 -10.34 -10.55
C THR A 22 1.11 -11.34 -9.83
N THR A 23 1.36 -12.46 -10.47
CA THR A 23 2.32 -13.46 -9.97
C THR A 23 3.68 -13.34 -10.68
N GLU A 24 3.90 -12.27 -11.43
CA GLU A 24 5.06 -12.12 -12.31
C GLU A 24 6.27 -11.55 -11.58
N GLY A 25 7.45 -11.86 -12.08
CA GLY A 25 8.67 -11.18 -11.64
C GLY A 25 9.22 -11.74 -10.37
N GLU A 26 10.14 -11.01 -9.77
CA GLU A 26 10.77 -11.46 -8.52
C GLU A 26 9.75 -11.54 -7.40
N TYR A 27 9.93 -12.52 -6.53
CA TYR A 27 8.89 -12.90 -5.59
C TYR A 27 8.37 -11.73 -4.75
N PHE A 28 9.27 -10.94 -4.20
CA PHE A 28 8.91 -9.88 -3.28
C PHE A 28 8.79 -8.51 -3.95
N HIS A 29 8.98 -8.44 -5.26
CA HIS A 29 8.75 -7.20 -6.00
C HIS A 29 7.26 -7.01 -6.28
N ARG A 30 6.84 -5.75 -6.36
CA ARG A 30 5.45 -5.47 -6.67
C ARG A 30 5.05 -5.68 -8.12
N VAL A 31 5.99 -5.47 -9.03
CA VAL A 31 5.76 -5.51 -10.46
C VAL A 31 7.01 -6.16 -11.09
N ASP A 32 6.81 -6.87 -12.20
CA ASP A 32 7.89 -7.47 -12.97
C ASP A 32 8.52 -6.37 -13.83
N THR A 33 9.62 -5.82 -13.34
CA THR A 33 10.24 -4.66 -13.97
C THR A 33 11.13 -5.08 -15.15
N ALA A 34 11.39 -6.40 -15.27
CA ALA A 34 12.04 -6.96 -16.48
C ALA A 34 11.05 -6.94 -17.64
N LYS A 35 9.80 -7.34 -17.38
CA LYS A 35 8.76 -7.30 -18.39
C LYS A 35 8.41 -5.85 -18.75
N TYR A 36 8.17 -5.04 -17.73
CA TYR A 36 7.78 -3.64 -17.94
C TYR A 36 8.98 -2.71 -17.92
N ARG A 37 9.95 -3.04 -18.76
CA ARG A 37 11.26 -2.39 -18.76
CA ARG A 37 11.27 -2.39 -18.80
C ARG A 37 11.25 -0.98 -19.34
N THR A 38 10.19 -0.60 -20.06
CA THR A 38 10.07 0.76 -20.60
C THR A 38 9.58 1.80 -19.59
N PRO A 40 10.07 4.34 -16.44
CA PRO A 40 11.25 5.08 -15.94
C PRO A 40 12.12 4.28 -14.92
N PRO A 41 13.45 4.47 -14.96
CA PRO A 41 14.32 3.75 -14.02
C PRO A 41 13.97 3.89 -12.54
N THR A 42 13.62 5.10 -12.10
CA THR A 42 13.30 5.26 -10.66
CA THR A 42 13.23 5.37 -10.71
C THR A 42 11.96 4.60 -10.31
N VAL A 43 11.02 4.58 -11.26
CA VAL A 43 9.76 3.85 -11.07
C VAL A 43 10.05 2.37 -10.92
N LYS A 44 10.91 1.82 -11.79
CA LYS A 44 11.26 0.41 -11.69
C LYS A 44 11.89 0.09 -10.34
N LYS A 45 12.80 0.96 -9.89
CA LYS A 45 13.46 0.76 -8.59
C LYS A 45 12.41 0.76 -7.47
N LEU A 46 11.47 1.67 -7.53
CA LEU A 46 10.43 1.75 -6.47
C LEU A 46 9.54 0.52 -6.43
N PHE A 47 9.29 -0.07 -7.58
CA PHE A 47 8.50 -1.29 -7.61
C PHE A 47 9.24 -2.52 -7.05
N THR A 48 10.55 -2.38 -6.75
CA THR A 48 11.27 -3.41 -5.98
C THR A 48 10.96 -3.31 -4.47
N ASN A 49 10.31 -2.24 -4.02
CA ASN A 49 9.93 -2.08 -2.61
C ASN A 49 8.65 -2.88 -2.39
N SER A 50 8.56 -3.59 -1.28
CA SER A 50 7.46 -4.54 -1.03
C SER A 50 6.16 -3.90 -0.44
N ALA A 51 5.90 -2.62 -0.72
CA ALA A 51 4.79 -1.91 -0.11
C ALA A 51 3.42 -2.57 -0.37
N GLY A 52 2.71 -2.89 0.71
CA GLY A 52 1.41 -3.46 0.61
C GLY A 52 1.36 -4.98 0.45
N LEU A 53 2.52 -5.61 0.31
CA LEU A 53 2.60 -7.07 0.27
C LEU A 53 2.60 -7.61 1.68
N ALA A 54 2.11 -8.84 1.81
CA ALA A 54 2.05 -9.49 3.11
C ALA A 54 2.10 -11.01 2.88
N ILE A 55 2.45 -11.73 3.94
CA ILE A 55 2.48 -13.19 3.94
C ILE A 55 1.39 -13.72 4.86
N SER A 56 0.59 -14.66 4.33
CA SER A 56 -0.47 -15.28 5.08
C SER A 56 -0.07 -16.72 5.46
N PHE A 57 -0.25 -17.05 6.74
CA PHE A 57 0.09 -18.38 7.26
C PHE A 57 -0.72 -18.65 8.51
N THR A 58 -0.72 -19.92 8.91
CA THR A 58 -1.36 -20.34 10.13
CA THR A 58 -1.37 -20.35 10.12
C THR A 58 -0.36 -21.13 10.97
N THR A 59 -0.49 -21.02 12.27
CA THR A 59 0.40 -21.72 13.19
C THR A 59 -0.22 -21.90 14.57
N ASN A 60 0.21 -22.96 15.26
CA ASN A 60 -0.10 -23.15 16.68
C ASN A 60 1.09 -22.80 17.57
N SER A 61 2.11 -22.14 17.03
CA SER A 61 3.26 -21.79 17.82
C SER A 61 2.92 -20.70 18.85
N PRO A 62 3.60 -20.75 20.01
CA PRO A 62 3.49 -19.66 20.99
C PRO A 62 4.40 -18.50 20.67
N VAL A 63 5.29 -18.68 19.71
CA VAL A 63 6.26 -17.68 19.30
C VAL A 63 6.33 -17.61 17.79
N ILE A 64 6.45 -16.39 17.26
CA ILE A 64 6.73 -16.20 15.85
C ILE A 64 7.94 -15.28 15.75
N LYS A 65 8.95 -15.78 15.03
CA LYS A 65 10.17 -15.05 14.73
C LYS A 65 10.22 -14.78 13.24
N ALA A 66 11.06 -13.82 12.85
CA ALA A 66 11.36 -13.60 11.45
C ALA A 66 12.84 -13.35 11.30
N LYS A 67 13.38 -13.86 10.20
CA LYS A 67 14.75 -13.60 9.75
CA LYS A 67 14.74 -13.59 9.77
C LYS A 67 14.59 -13.00 8.37
N TRP A 68 15.03 -11.76 8.19
CA TRP A 68 14.82 -11.11 6.92
C TRP A 68 15.99 -10.24 6.55
N VAL A 70 17.30 -7.03 4.08
CA VAL A 70 16.99 -5.82 3.35
C VAL A 70 18.32 -5.13 3.09
N PRO A 71 18.60 -4.75 1.82
CA PRO A 71 19.89 -4.12 1.61
C PRO A 71 20.08 -2.82 2.41
N ASP A 72 21.34 -2.41 2.57
CA ASP A 72 21.71 -1.28 3.41
C ASP A 72 21.46 0.05 2.68
N ASN A 73 20.27 0.21 2.16
CA ASN A 73 19.82 1.44 1.55
C ASN A 73 19.58 2.54 2.61
N TYR A 74 19.77 3.77 2.21
CA TYR A 74 19.57 4.96 3.07
C TYR A 74 18.19 4.95 3.70
N GLN A 75 18.15 5.20 5.00
CA GLN A 75 16.90 5.34 5.74
C GLN A 75 16.37 6.73 5.57
N LEU A 76 15.14 6.82 5.06
CA LEU A 76 14.49 8.11 4.88
C LEU A 76 14.25 8.81 6.26
N PRO A 77 14.58 10.10 6.37
CA PRO A 77 14.50 10.77 7.67
C PRO A 77 13.09 11.05 8.19
N ASN A 78 12.11 11.01 7.30
CA ASN A 78 10.70 11.24 7.62
C ASN A 78 9.90 9.96 7.78
N LEU A 79 10.58 8.82 7.86
CA LEU A 79 9.97 7.50 8.07
C LEU A 79 10.64 6.83 9.24
N THR A 80 9.90 6.04 9.99
CA THR A 80 10.55 5.15 10.93
C THR A 80 11.26 4.03 10.15
N ARG A 81 12.32 3.50 10.76
CA ARG A 81 12.99 2.34 10.21
C ARG A 81 12.00 1.15 10.11
N VAL A 82 11.10 1.06 11.08
CA VAL A 82 10.10 0.01 11.10
C VAL A 82 9.26 0.07 9.82
N ALA A 83 8.76 1.25 9.49
CA ALA A 83 7.96 1.41 8.28
C ALA A 83 8.78 1.08 7.02
N GLN A 84 10.00 1.57 6.96
CA GLN A 84 10.78 1.46 5.74
C GLN A 84 11.26 0.04 5.48
N LYS A 85 11.82 -0.58 6.52
CA LYS A 85 12.61 -1.82 6.43
C LYS A 85 12.06 -2.99 7.29
N GLY A 86 11.00 -2.73 8.05
CA GLY A 86 10.47 -3.63 9.05
C GLY A 86 9.29 -4.48 8.58
N LEU A 87 8.72 -5.16 9.57
CA LEU A 87 7.60 -6.06 9.36
C LEU A 87 6.51 -5.75 10.38
N ASP A 88 5.26 -6.09 10.03
CA ASP A 88 4.13 -5.87 10.94
C ASP A 88 3.24 -7.12 10.95
N LEU A 89 3.09 -7.75 12.12
CA LEU A 89 2.30 -8.98 12.24
C LEU A 89 0.91 -8.71 12.85
N TYR A 90 -0.10 -9.18 12.12
CA TYR A 90 -1.50 -9.18 12.55
C TYR A 90 -1.95 -10.63 12.71
N ILE A 91 -2.82 -10.83 13.67
CA ILE A 91 -3.42 -12.14 13.93
C ILE A 91 -4.94 -11.95 14.01
N LYS A 92 -5.68 -12.89 13.40
CA LYS A 92 -7.12 -12.81 13.41
CA LYS A 92 -7.13 -12.82 13.41
C LYS A 92 -7.66 -13.26 14.77
N ARG A 93 -8.56 -12.48 15.33
CA ARG A 93 -9.25 -12.80 16.58
CA ARG A 93 -9.28 -12.89 16.52
C ARG A 93 -10.64 -12.22 16.52
N ASP A 94 -11.66 -13.00 16.89
CA ASP A 94 -13.04 -12.49 16.90
C ASP A 94 -13.45 -11.89 15.54
N GLY A 95 -12.99 -12.55 14.48
CA GLY A 95 -13.29 -12.16 13.10
C GLY A 95 -12.62 -10.89 12.57
N LYS A 96 -11.64 -10.37 13.31
CA LYS A 96 -10.95 -9.13 12.92
C LYS A 96 -9.45 -9.37 12.94
N TRP A 97 -8.75 -8.80 11.96
CA TRP A 97 -7.29 -8.77 11.97
C TRP A 97 -6.84 -7.76 13.01
N GLN A 98 -6.02 -8.20 13.97
CA GLN A 98 -5.59 -7.36 15.09
C GLN A 98 -4.08 -7.33 15.20
N PHE A 99 -3.57 -6.18 15.58
CA PHE A 99 -2.15 -6.02 15.81
C PHE A 99 -1.59 -7.03 16.80
N ALA A 100 -0.49 -7.68 16.42
CA ALA A 100 0.20 -8.60 17.29
C ALA A 100 1.61 -8.20 17.63
N GLY A 101 2.38 -7.75 16.64
CA GLY A 101 3.74 -7.34 16.93
C GLY A 101 4.44 -6.82 15.69
N VAL A 102 5.59 -6.21 15.86
CA VAL A 102 6.41 -5.75 14.75
C VAL A 102 7.76 -6.43 14.71
N GLY A 103 8.36 -6.41 13.53
CA GLY A 103 9.77 -6.80 13.33
C GLY A 103 10.57 -5.52 13.24
N ILE A 104 11.32 -5.23 14.28
CA ILE A 104 12.17 -4.04 14.32
CA ILE A 104 12.17 -4.04 14.33
C ILE A 104 13.46 -4.34 13.56
N PRO A 105 13.69 -3.62 12.45
CA PRO A 105 14.84 -3.91 11.63
C PRO A 105 16.11 -3.41 12.21
N GLY A 106 17.18 -4.15 11.98
CA GLY A 106 18.51 -3.60 12.24
C GLY A 106 19.25 -3.32 10.95
N GLY A 107 20.28 -4.11 10.76
CA GLY A 107 21.10 -4.00 9.59
C GLY A 107 20.58 -4.95 8.56
N VAL A 108 21.48 -5.37 7.70
CA VAL A 108 21.09 -6.02 6.47
C VAL A 108 20.30 -7.27 6.77
N THR A 109 20.81 -8.12 7.65
CA THR A 109 20.09 -9.29 8.11
CA THR A 109 20.06 -9.28 8.10
C THR A 109 19.63 -9.04 9.55
N THR A 110 18.34 -9.25 9.80
CA THR A 110 17.75 -9.10 11.12
C THR A 110 17.05 -10.41 11.47
N GLU A 111 17.20 -10.84 12.73
CA GLU A 111 16.49 -11.97 13.27
C GLU A 111 15.87 -11.50 14.60
N LYS A 112 14.54 -11.49 14.67
CA LYS A 112 13.82 -10.97 15.84
CA LYS A 112 13.83 -10.96 15.84
C LYS A 112 12.62 -11.85 16.16
N VAL A 113 12.30 -11.92 17.44
CA VAL A 113 10.99 -12.36 17.89
C VAL A 113 9.99 -11.27 17.56
N LEU A 114 8.92 -11.63 16.85
CA LEU A 114 7.82 -10.72 16.60
C LEU A 114 6.82 -10.71 17.75
N VAL A 115 6.44 -11.90 18.19
CA VAL A 115 5.55 -12.05 19.32
C VAL A 115 5.89 -13.37 19.99
N ASP A 116 5.83 -13.39 21.33
CA ASP A 116 5.99 -14.66 22.07
CA ASP A 116 6.11 -14.57 22.17
C ASP A 116 5.01 -14.72 23.23
N ASN A 117 5.06 -15.83 23.96
CA ASN A 117 4.14 -16.07 25.05
C ASN A 117 2.69 -15.98 24.64
N GLY A 119 0.74 -18.71 23.82
CA GLY A 119 -0.04 -19.95 23.91
C GLY A 119 -0.14 -20.65 22.58
N THR A 120 -0.80 -21.80 22.56
CA THR A 120 -0.65 -22.73 21.46
C THR A 120 -1.94 -23.07 20.72
N GLU A 121 -2.94 -22.19 20.82
CA GLU A 121 -4.09 -22.28 19.93
C GLU A 121 -3.70 -21.98 18.47
N GLU A 122 -4.51 -22.47 17.56
CA GLU A 122 -4.36 -22.20 16.13
CA GLU A 122 -4.31 -22.19 16.14
C GLU A 122 -4.57 -20.71 15.88
N LYS A 123 -3.68 -20.10 15.09
CA LYS A 123 -3.75 -18.69 14.78
CA LYS A 123 -3.67 -18.67 14.79
C LYS A 123 -3.58 -18.45 13.28
N GLU A 124 -4.45 -17.62 12.72
CA GLU A 124 -4.32 -17.16 11.35
C GLU A 124 -3.58 -15.83 11.43
N CYS A 125 -2.53 -15.71 10.62
CA CYS A 125 -1.55 -14.63 10.71
C CYS A 125 -1.37 -13.93 9.36
N LEU A 126 -1.03 -12.64 9.43
CA LEU A 126 -0.77 -11.87 8.23
C LEU A 126 0.41 -10.96 8.54
N LEU A 127 1.50 -11.14 7.80
CA LEU A 127 2.76 -10.44 8.07
C LEU A 127 3.02 -9.46 6.95
N TYR A 128 2.90 -8.16 7.24
CA TYR A 128 3.18 -7.11 6.25
C TYR A 128 4.65 -6.85 6.08
N LEU A 129 5.04 -6.64 4.82
CA LEU A 129 6.40 -6.49 4.39
C LEU A 129 6.81 -5.01 4.29
N PRO A 130 8.11 -4.74 4.19
CA PRO A 130 8.59 -3.35 4.21
C PRO A 130 7.93 -2.45 3.17
N LEU A 131 7.71 -1.18 3.52
CA LEU A 131 7.08 -0.21 2.63
C LEU A 131 8.03 0.47 1.65
N TYR A 132 9.26 0.71 2.08
CA TYR A 132 10.18 1.63 1.36
C TYR A 132 11.55 1.04 1.17
N ASP A 133 11.59 -0.29 1.04
CA ASP A 133 12.80 -1.00 0.79
C ASP A 133 12.52 -2.35 0.17
N GLU A 134 13.57 -2.91 -0.41
CA GLU A 134 13.51 -4.20 -1.05
C GLU A 134 13.73 -5.30 -0.02
N LEU A 135 12.86 -6.30 -0.06
CA LEU A 135 12.99 -7.46 0.77
C LEU A 135 13.68 -8.56 -0.07
N LYS A 136 14.88 -8.97 0.32
CA LYS A 136 15.64 -9.96 -0.41
C LYS A 136 15.32 -11.37 0.04
N SER A 137 14.98 -11.54 1.32
CA SER A 137 14.62 -12.85 1.83
CA SER A 137 14.75 -12.86 1.91
C SER A 137 13.86 -12.69 3.14
N LEU A 138 13.02 -13.68 3.40
CA LEU A 138 12.21 -13.69 4.61
C LEU A 138 11.92 -15.14 4.96
N GLU A 139 12.25 -15.49 6.19
CA GLU A 139 11.90 -16.78 6.73
C GLU A 139 11.13 -16.55 8.01
N ILE A 140 10.12 -17.38 8.27
CA ILE A 140 9.23 -17.26 9.44
CA ILE A 140 9.26 -17.23 9.44
C ILE A 140 9.55 -18.44 10.31
N GLY A 141 9.78 -18.15 11.59
CA GLY A 141 10.21 -19.12 12.57
C GLY A 141 9.15 -19.40 13.60
N VAL A 142 8.99 -20.69 13.90
CA VAL A 142 8.07 -21.14 14.95
C VAL A 142 8.77 -22.18 15.81
N SER A 143 8.19 -22.51 16.96
CA SER A 143 8.76 -23.54 17.80
CA SER A 143 8.73 -23.55 17.82
CA SER A 143 8.73 -23.55 17.82
C SER A 143 8.86 -24.85 17.02
N SER A 144 9.91 -25.62 17.30
CA SER A 144 10.19 -26.86 16.52
C SER A 144 9.08 -27.89 16.59
N ASP A 145 8.28 -27.86 17.65
CA ASP A 145 7.14 -28.77 17.78
C ASP A 145 5.79 -28.19 17.36
N ALA A 146 5.81 -26.95 16.88
CA ALA A 146 4.64 -26.35 16.27
C ALA A 146 4.64 -26.63 14.79
N HIS A 147 3.51 -26.44 14.17
CA HIS A 147 3.40 -26.43 12.74
C HIS A 147 3.18 -25.00 12.25
N ILE A 148 3.59 -24.79 11.01
CA ILE A 148 3.29 -23.55 10.26
C ILE A 148 2.86 -23.97 8.87
N ARG A 149 1.71 -23.46 8.41
CA ARG A 149 1.16 -23.84 7.12
C ARG A 149 0.79 -22.61 6.31
N LYS A 150 0.84 -22.76 4.98
CA LYS A 150 0.40 -21.75 4.06
CA LYS A 150 0.40 -21.74 4.05
C LYS A 150 -1.03 -21.32 4.40
N GLY A 151 -1.27 -20.00 4.47
CA GLY A 151 -2.55 -19.50 4.86
C GLY A 151 -3.48 -19.31 3.70
N GLU A 152 -4.69 -18.89 4.03
CA GLU A 152 -5.73 -18.57 3.06
C GLU A 152 -5.57 -17.11 2.64
N ASN A 153 -6.12 -16.77 1.48
CA ASN A 153 -6.14 -15.39 1.02
C ASN A 153 -7.17 -14.65 1.88
N PRO A 154 -6.76 -13.60 2.60
CA PRO A 154 -7.69 -12.96 3.51
C PRO A 154 -8.64 -12.01 2.81
N PHE A 155 -8.32 -11.62 1.58
CA PHE A 155 -9.06 -10.57 0.89
C PHE A 155 -9.63 -11.05 -0.45
N LYS A 156 -10.55 -10.25 -0.99
CA LYS A 156 -11.19 -10.54 -2.24
CA LYS A 156 -11.30 -10.47 -2.21
C LYS A 156 -10.88 -9.45 -3.28
N GLU A 157 -10.88 -9.87 -4.54
CA GLU A 157 -10.79 -9.00 -5.70
C GLU A 157 -9.42 -8.34 -5.80
N LYS A 158 -9.29 -7.39 -6.73
CA LYS A 158 -8.05 -6.64 -6.94
CA LYS A 158 -8.05 -6.64 -6.93
C LYS A 158 -8.46 -5.19 -7.19
N ILE A 159 -8.30 -4.34 -6.18
CA ILE A 159 -8.61 -2.89 -6.26
CA ILE A 159 -8.59 -2.88 -6.31
C ILE A 159 -7.24 -2.23 -6.38
N VAL A 160 -6.87 -1.78 -7.58
CA VAL A 160 -5.55 -1.28 -7.83
C VAL A 160 -5.50 0.20 -7.47
N VAL A 161 -4.59 0.57 -6.57
CA VAL A 161 -4.42 1.97 -6.17
C VAL A 161 -3.04 2.45 -6.65
N TYR A 162 -3.05 3.51 -7.46
CA TYR A 162 -1.86 4.04 -8.06
C TYR A 162 -1.67 5.46 -7.55
N GLY A 163 -0.43 5.85 -7.27
CA GLY A 163 -0.22 7.16 -6.69
C GLY A 163 1.17 7.44 -6.19
N SER A 164 1.23 8.32 -5.19
CA SER A 164 2.45 8.96 -4.73
C SER A 164 3.10 8.26 -3.53
N SER A 165 4.08 8.95 -2.96
CA SER A 165 4.70 8.54 -1.70
C SER A 165 3.70 8.34 -0.58
N ILE A 166 2.66 9.14 -0.58
CA ILE A 166 1.64 9.08 0.47
C ILE A 166 0.95 7.72 0.44
N LEU A 167 0.54 7.30 -0.75
CA LEU A 167 -0.02 6.00 -1.00
C LEU A 167 0.98 4.90 -0.63
N GLN A 168 2.23 5.04 -1.08
CA GLN A 168 3.23 3.98 -0.83
C GLN A 168 3.39 3.71 0.66
N GLY A 169 3.22 4.78 1.44
CA GLY A 169 3.12 4.69 2.89
C GLY A 169 3.87 5.69 3.71
N ALA A 170 4.32 6.78 3.12
CA ALA A 170 4.97 7.84 3.88
C ALA A 170 3.87 8.72 4.50
N SER A 171 3.74 8.88 5.82
CA SER A 171 4.65 8.39 6.87
CA SER A 171 4.65 8.37 6.84
C SER A 171 3.86 7.58 7.92
N ALA A 172 3.33 6.45 7.48
CA ALA A 172 2.74 5.48 8.38
C ALA A 172 3.82 4.96 9.32
N SER A 173 3.47 4.66 10.57
CA SER A 173 4.49 4.33 11.58
C SER A 173 5.11 2.94 11.37
N ARG A 174 4.36 2.06 10.72
CA ARG A 174 4.76 0.69 10.50
C ARG A 174 4.01 0.14 9.30
N PRO A 175 4.51 -0.96 8.71
CA PRO A 175 3.96 -1.36 7.40
C PRO A 175 2.46 -1.60 7.28
N GLY A 176 1.86 -2.18 8.30
CA GLY A 176 0.43 -2.46 8.25
C GLY A 176 -0.44 -1.22 8.35
N ALA A 178 0.01 1.50 6.36
CA ALA A 178 -0.20 2.15 5.06
C ALA A 178 -1.70 2.15 4.75
N TYR A 179 -2.21 3.17 4.06
CA TYR A 179 -3.63 3.32 3.96
C TYR A 179 -4.33 2.20 3.19
N PRO A 180 -3.69 1.67 2.13
CA PRO A 180 -4.40 0.57 1.47
C PRO A 180 -4.53 -0.66 2.35
N ALA A 181 -3.53 -0.89 3.20
CA ALA A 181 -3.60 -2.01 4.16
C ALA A 181 -4.73 -1.81 5.14
N ARG A 182 -4.88 -0.58 5.64
CA ARG A 182 -6.00 -0.26 6.53
C ARG A 182 -7.35 -0.46 5.82
N LEU A 183 -7.46 -0.01 4.58
CA LEU A 183 -8.69 -0.20 3.82
C LEU A 183 -9.02 -1.68 3.62
N SER A 184 -8.01 -2.48 3.37
CA SER A 184 -8.20 -3.91 3.15
C SER A 184 -8.70 -4.60 4.39
N ARG A 185 -8.09 -4.32 5.52
CA ARG A 185 -8.53 -4.98 6.75
C ARG A 185 -9.95 -4.59 7.15
N SER A 186 -10.31 -3.34 6.86
CA SER A 186 -11.62 -2.78 7.21
CA SER A 186 -11.63 -2.86 7.26
C SER A 186 -12.75 -3.34 6.34
N SER A 187 -12.43 -3.73 5.09
CA SER A 187 -13.45 -4.15 4.10
C SER A 187 -13.41 -5.63 3.70
N GLY A 188 -12.26 -6.26 3.84
CA GLY A 188 -12.01 -7.58 3.29
C GLY A 188 -11.71 -7.61 1.81
N TYR A 189 -11.55 -6.43 1.20
CA TYR A 189 -11.17 -6.32 -0.19
C TYR A 189 -9.69 -6.01 -0.29
N ASN A 190 -9.11 -6.48 -1.38
CA ASN A 190 -7.68 -6.39 -1.60
C ASN A 190 -7.34 -5.07 -2.30
N PHE A 191 -6.98 -4.04 -1.50
CA PHE A 191 -6.49 -2.76 -2.05
C PHE A 191 -5.00 -2.92 -2.27
N ILE A 192 -4.61 -2.97 -3.54
CA ILE A 192 -3.23 -3.19 -3.96
CA ILE A 192 -3.22 -3.20 -4.00
C ILE A 192 -2.47 -1.86 -4.00
N ASN A 193 -1.32 -1.82 -3.34
CA ASN A 193 -0.54 -0.62 -3.22
C ASN A 193 0.46 -0.51 -4.35
N LEU A 194 0.13 0.35 -5.33
CA LEU A 194 1.07 0.72 -6.38
C LEU A 194 1.45 2.23 -6.28
N GLY A 195 1.68 2.65 -5.05
CA GLY A 195 2.26 3.94 -4.80
C GLY A 195 3.74 4.02 -5.17
N LEU A 196 4.17 5.20 -5.63
CA LEU A 196 5.50 5.40 -6.14
C LEU A 196 6.04 6.73 -5.62
N SER A 197 6.90 6.67 -4.60
CA SER A 197 7.46 7.88 -4.03
C SER A 197 8.11 8.79 -5.05
N GLY A 198 7.63 10.02 -5.12
CA GLY A 198 8.14 11.01 -6.03
C GLY A 198 7.81 10.80 -7.49
N ASN A 199 7.08 9.74 -7.82
CA ASN A 199 7.12 9.21 -9.18
C ASN A 199 5.79 8.71 -9.72
N GLY A 200 4.70 9.12 -9.10
CA GLY A 200 3.38 8.79 -9.63
C GLY A 200 2.90 9.87 -10.58
N LYS A 201 3.54 9.97 -11.74
CA LYS A 201 3.34 11.12 -12.63
C LYS A 201 2.58 10.77 -13.92
N GLU A 203 2.83 8.51 -16.34
CA GLU A 203 3.54 8.16 -17.57
C GLU A 203 2.73 7.10 -18.31
N LYS A 204 2.68 7.22 -19.63
CA LYS A 204 1.91 6.27 -20.44
C LYS A 204 2.42 4.83 -20.26
N GLU A 205 3.72 4.65 -20.07
CA GLU A 205 4.30 3.29 -19.94
C GLU A 205 3.85 2.63 -18.62
N VAL A 206 3.58 3.45 -17.62
CA VAL A 206 3.05 2.94 -16.35
C VAL A 206 1.56 2.59 -16.50
N ALA A 207 0.78 3.42 -17.22
CA ALA A 207 -0.60 3.08 -17.55
C ALA A 207 -0.70 1.76 -18.31
N GLU A 208 0.25 1.51 -19.21
CA GLU A 208 0.26 0.28 -19.97
C GLU A 208 0.39 -0.95 -19.05
N LEU A 210 -0.46 -0.95 -15.77
CA LEU A 210 -1.65 -1.05 -14.95
C LEU A 210 -2.79 -1.71 -15.72
N ALA A 211 -2.89 -1.39 -17.01
CA ALA A 211 -3.97 -1.89 -17.83
C ALA A 211 -3.94 -3.41 -17.99
N ASP A 212 -2.76 -4.00 -17.83
CA ASP A 212 -2.61 -5.47 -17.89
C ASP A 212 -3.06 -6.19 -16.63
N ILE A 213 -3.33 -5.46 -15.56
CA ILE A 213 -3.78 -6.11 -14.32
C ILE A 213 -5.24 -6.50 -14.46
N ASP A 214 -5.62 -7.66 -13.92
CA ASP A 214 -7.00 -8.13 -13.87
CA ASP A 214 -7.03 -8.09 -13.90
C ASP A 214 -7.76 -7.40 -12.72
N ALA A 215 -7.82 -6.10 -12.81
CA ALA A 215 -8.36 -5.27 -11.75
C ALA A 215 -9.89 -5.28 -11.74
N ASP A 216 -10.44 -5.16 -10.54
CA ASP A 216 -11.87 -4.93 -10.32
C ASP A 216 -12.22 -3.43 -10.23
N ALA A 217 -11.20 -2.63 -9.97
CA ALA A 217 -11.31 -1.17 -9.95
C ALA A 217 -9.92 -0.59 -10.00
N PHE A 218 -9.81 0.62 -10.53
CA PHE A 218 -8.60 1.43 -10.45
C PHE A 218 -8.87 2.68 -9.64
N ILE A 219 -8.04 2.96 -8.66
CA ILE A 219 -8.11 4.19 -7.89
C ILE A 219 -6.83 4.97 -8.17
N LEU A 220 -6.99 6.15 -8.78
CA LEU A 220 -5.89 6.96 -9.21
C LEU A 220 -5.74 8.13 -8.22
N ASP A 221 -4.85 7.94 -7.26
CA ASP A 221 -4.53 8.91 -6.22
C ASP A 221 -3.14 9.48 -6.55
N CYS A 222 -3.02 9.96 -7.78
CA CYS A 222 -1.75 10.30 -8.36
C CYS A 222 -1.58 11.77 -8.71
N ILE A 223 -2.32 12.63 -8.02
CA ILE A 223 -2.19 14.07 -8.22
C ILE A 223 -1.04 14.75 -7.45
N PRO A 224 -0.56 14.16 -6.32
CA PRO A 224 0.48 14.95 -5.61
C PRO A 224 1.78 15.19 -6.35
N ASN A 225 2.23 14.22 -7.14
CA ASN A 225 3.55 14.32 -7.81
C ASN A 225 3.62 15.16 -9.10
N PRO A 226 2.69 14.98 -10.06
CA PRO A 226 2.85 15.68 -11.33
C PRO A 226 2.59 17.16 -11.23
N SER A 227 3.30 17.91 -12.05
CA SER A 227 3.02 19.34 -12.14
C SER A 227 1.64 19.57 -12.76
N PRO A 228 1.06 20.78 -12.58
CA PRO A 228 -0.15 21.08 -13.31
C PRO A 228 -0.07 20.84 -14.83
N LYS A 229 1.08 21.16 -15.43
CA LYS A 229 1.25 20.94 -16.87
C LYS A 229 1.27 19.47 -17.20
N GLU A 230 1.97 18.68 -16.39
CA GLU A 230 1.97 17.23 -16.57
C GLU A 230 0.56 16.64 -16.44
N ILE A 231 -0.20 17.11 -15.47
CA ILE A 231 -1.59 16.65 -15.31
C ILE A 231 -2.39 16.98 -16.56
N THR A 232 -2.23 18.20 -17.04
CA THR A 232 -2.93 18.63 -18.26
C THR A 232 -2.54 17.79 -19.47
N ASP A 233 -1.25 17.48 -19.59
CA ASP A 233 -0.74 16.78 -20.74
C ASP A 233 -0.96 15.27 -20.72
N ARG A 234 -1.08 14.67 -19.54
CA ARG A 234 -1.01 13.21 -19.40
C ARG A 234 -2.28 12.50 -18.97
N THR A 235 -3.19 13.18 -18.29
CA THR A 235 -4.31 12.50 -17.68
C THR A 235 -5.19 11.75 -18.69
N VAL A 236 -5.58 12.42 -19.77
CA VAL A 236 -6.45 11.79 -20.76
C VAL A 236 -5.80 10.53 -21.34
N ASP A 237 -4.52 10.63 -21.74
CA ASP A 237 -3.86 9.48 -22.33
C ASP A 237 -3.75 8.33 -21.31
N PHE A 238 -3.58 8.67 -20.03
CA PHE A 238 -3.44 7.67 -19.00
C PHE A 238 -4.76 6.90 -18.87
N VAL A 239 -5.85 7.64 -18.70
CA VAL A 239 -7.15 7.01 -18.54
C VAL A 239 -7.56 6.26 -19.80
N THR A 241 -5.61 4.78 -21.88
CA THR A 241 -4.81 3.56 -21.93
C THR A 241 -5.47 2.49 -21.06
N LEU A 242 -5.95 2.86 -19.89
CA LEU A 242 -6.69 1.92 -19.06
C LEU A 242 -7.95 1.41 -19.76
N ARG A 243 -8.70 2.36 -20.33
CA ARG A 243 -9.96 2.01 -20.97
C ARG A 243 -9.79 1.16 -22.23
N GLN A 244 -8.63 1.20 -22.88
CA GLN A 244 -8.39 0.35 -24.05
C GLN A 244 -8.53 -1.14 -23.71
N LYS A 245 -8.00 -1.53 -22.56
CA LYS A 245 -8.03 -2.91 -22.10
C LYS A 245 -9.14 -3.22 -21.11
N HIS A 246 -9.69 -2.19 -20.46
CA HIS A 246 -10.74 -2.31 -19.45
C HIS A 246 -11.86 -1.35 -19.85
N PRO A 247 -12.77 -1.79 -20.73
CA PRO A 247 -13.81 -0.84 -21.18
C PRO A 247 -14.78 -0.42 -20.05
N ASP A 248 -14.96 -1.27 -19.03
CA ASP A 248 -15.98 -1.06 -18.00
C ASP A 248 -15.44 -0.87 -16.57
N THR A 249 -14.25 -1.38 -16.27
CA THR A 249 -13.71 -1.38 -14.88
C THR A 249 -13.76 0.05 -14.31
N PRO A 250 -14.38 0.23 -13.11
CA PRO A 250 -14.50 1.57 -12.55
C PRO A 250 -13.13 2.22 -12.34
N ILE A 251 -13.04 3.50 -12.70
CA ILE A 251 -11.84 4.31 -12.48
C ILE A 251 -12.26 5.46 -11.58
N ILE A 252 -11.56 5.60 -10.45
CA ILE A 252 -11.80 6.66 -9.48
C ILE A 252 -10.58 7.53 -9.42
N VAL A 253 -10.74 8.81 -9.70
CA VAL A 253 -9.68 9.85 -9.62
C VAL A 253 -9.90 10.62 -8.34
N ILE A 254 -8.85 10.76 -7.54
CA ILE A 254 -8.90 11.50 -6.27
C ILE A 254 -8.03 12.74 -6.39
N GLN A 255 -8.56 13.89 -5.99
CA GLN A 255 -7.75 15.11 -5.85
C GLN A 255 -6.64 14.94 -4.81
N THR A 256 -5.58 15.73 -4.96
CA THR A 256 -4.52 15.74 -3.95
C THR A 256 -5.02 16.31 -2.65
N LEU A 257 -4.53 15.76 -1.55
CA LEU A 257 -4.72 16.39 -0.27
C LEU A 257 -4.10 17.79 -0.32
N ILE A 258 -4.56 18.63 0.59
CA ILE A 258 -4.07 20.00 0.70
C ILE A 258 -2.88 19.97 1.62
N ARG A 259 -1.70 20.06 1.02
CA ARG A 259 -0.48 19.90 1.79
C ARG A 259 -0.42 20.99 2.87
N GLU A 260 0.00 20.58 4.07
CA GLU A 260 0.22 21.51 5.15
C GLU A 260 1.38 22.45 4.93
N THR A 261 2.25 22.13 3.96
CA THR A 261 3.27 23.09 3.55
CA THR A 261 3.28 23.07 3.54
C THR A 261 2.66 24.41 3.11
N GLY A 262 1.44 24.37 2.58
CA GLY A 262 0.73 25.57 2.13
C GLY A 262 0.11 26.38 3.23
N ASN A 263 0.21 25.92 4.48
CA ASN A 263 -0.37 26.68 5.57
C ASN A 263 0.25 28.08 5.63
N PHE A 264 1.58 28.16 5.54
CA PHE A 264 2.30 29.45 5.48
C PHE A 264 3.11 29.68 4.22
N ASN A 265 3.46 28.63 3.47
CA ASN A 265 4.22 28.80 2.22
C ASN A 265 3.20 29.04 1.09
N GLN A 266 3.13 30.28 0.64
CA GLN A 266 2.11 30.70 -0.32
CA GLN A 266 2.10 30.69 -0.32
C GLN A 266 2.35 30.12 -1.72
N LYS A 267 3.59 29.84 -2.03
CA LYS A 267 3.97 29.22 -3.32
C LYS A 267 3.51 27.76 -3.36
N ALA A 268 3.80 27.04 -2.28
CA ALA A 268 3.33 25.67 -2.17
C ALA A 268 1.81 25.62 -2.22
N ARG A 269 1.17 26.53 -1.51
CA ARG A 269 -0.28 26.63 -1.49
C ARG A 269 -0.85 26.77 -2.91
N GLU A 270 -0.27 27.68 -3.67
CA GLU A 270 -0.75 27.94 -5.01
C GLU A 270 -0.50 26.72 -5.91
N ASN A 271 0.64 26.04 -5.74
CA ASN A 271 0.93 24.89 -6.59
C ASN A 271 -0.09 23.77 -6.39
N VAL A 272 -0.45 23.49 -5.13
CA VAL A 272 -1.49 22.51 -4.83
C VAL A 272 -2.84 22.92 -5.42
N LYS A 273 -3.19 24.19 -5.25
CA LYS A 273 -4.42 24.69 -5.86
CA LYS A 273 -4.41 24.72 -5.86
C LYS A 273 -4.43 24.43 -7.36
N ARG A 274 -3.33 24.72 -8.04
CA ARG A 274 -3.22 24.49 -9.47
C ARG A 274 -3.27 23.04 -9.86
N GLN A 275 -2.67 22.18 -9.05
CA GLN A 275 -2.73 20.75 -9.34
C GLN A 275 -4.19 20.29 -9.31
N ASN A 276 -4.91 20.72 -8.29
CA ASN A 276 -6.31 20.30 -8.15
C ASN A 276 -7.22 20.88 -9.22
N GLU A 277 -6.95 22.12 -9.64
CA GLU A 277 -7.67 22.70 -10.75
C GLU A 277 -7.38 21.94 -12.04
N ALA A 278 -6.11 21.61 -12.26
CA ALA A 278 -5.70 20.91 -13.47
C ALA A 278 -6.40 19.56 -13.61
N ILE A 279 -6.43 18.78 -12.53
CA ILE A 279 -7.12 17.50 -12.62
C ILE A 279 -8.63 17.67 -12.80
N ALA A 280 -9.24 18.67 -12.15
CA ALA A 280 -10.68 18.89 -12.32
C ALA A 280 -10.96 19.22 -13.80
N GLU A 281 -10.09 20.01 -14.41
CA GLU A 281 -10.25 20.34 -15.82
C GLU A 281 -10.15 19.13 -16.73
N GLN A 282 -9.19 18.23 -16.45
CA GLN A 282 -9.05 17.02 -17.28
C GLN A 282 -10.17 16.04 -17.04
N VAL A 283 -10.76 16.02 -15.84
CA VAL A 283 -11.96 15.22 -15.65
C VAL A 283 -13.08 15.70 -16.56
N GLU A 284 -13.23 17.02 -16.70
CA GLU A 284 -14.25 17.54 -17.62
C GLU A 284 -13.94 17.12 -19.04
N VAL A 285 -12.68 17.14 -19.45
CA VAL A 285 -12.30 16.65 -20.78
C VAL A 285 -12.72 15.19 -20.97
N LEU A 286 -12.46 14.37 -19.96
CA LEU A 286 -12.84 12.97 -20.04
C LEU A 286 -14.36 12.79 -20.09
N ARG A 287 -15.08 13.59 -19.32
CA ARG A 287 -16.54 13.51 -19.34
CA ARG A 287 -16.55 13.54 -19.34
C ARG A 287 -17.08 13.90 -20.72
N LYS A 288 -16.48 14.91 -21.36
CA LYS A 288 -16.88 15.33 -22.70
C LYS A 288 -16.58 14.26 -23.76
N LYS A 289 -15.56 13.44 -23.51
CA LYS A 289 -15.24 12.25 -24.31
C LYS A 289 -16.12 11.04 -23.95
N ASN A 290 -17.05 11.21 -23.00
CA ASN A 290 -18.01 10.20 -22.61
C ASN A 290 -17.39 8.91 -22.08
N VAL A 291 -16.32 9.07 -21.31
CA VAL A 291 -15.64 7.92 -20.71
C VAL A 291 -16.56 7.32 -19.67
N LYS A 292 -16.88 6.04 -19.79
CA LYS A 292 -17.82 5.46 -18.85
C LYS A 292 -17.14 5.09 -17.53
N ASN A 293 -17.98 4.94 -16.51
CA ASN A 293 -17.60 4.45 -15.18
C ASN A 293 -16.36 5.17 -14.64
N LEU A 294 -16.43 6.50 -14.70
CA LEU A 294 -15.36 7.37 -14.26
C LEU A 294 -15.88 8.25 -13.13
N TYR A 295 -15.19 8.23 -12.01
CA TYR A 295 -15.62 8.88 -10.79
C TYR A 295 -14.52 9.78 -10.31
N PHE A 296 -14.91 10.85 -9.65
CA PHE A 296 -13.97 11.90 -9.22
C PHE A 296 -14.30 12.30 -7.79
N ILE A 297 -13.35 12.08 -6.89
CA ILE A 297 -13.48 12.44 -5.48
CA ILE A 297 -13.46 12.44 -5.47
C ILE A 297 -12.71 13.75 -5.23
N LYS A 298 -13.45 14.80 -4.92
CA LYS A 298 -12.86 16.09 -4.66
C LYS A 298 -12.30 16.12 -3.24
N GLU A 299 -11.29 16.94 -3.05
CA GLU A 299 -10.68 17.09 -1.73
C GLU A 299 -11.73 17.62 -0.76
N ASP A 300 -11.75 17.03 0.43
CA ASP A 300 -12.75 17.39 1.44
C ASP A 300 -12.12 17.24 2.82
N GLN A 301 -11.25 18.18 3.18
CA GLN A 301 -10.59 18.20 4.51
C GLN A 301 -10.00 16.83 4.85
N PHE A 302 -9.24 16.26 3.92
CA PHE A 302 -8.66 14.93 4.09
C PHE A 302 -7.76 14.77 5.32
N LEU A 303 -7.11 15.84 5.74
CA LEU A 303 -6.23 15.78 6.92
C LEU A 303 -6.80 16.53 8.11
N GLY A 304 -8.08 16.79 8.11
CA GLY A 304 -8.69 17.58 9.15
C GLY A 304 -8.40 19.05 9.03
N THR A 305 -8.63 19.76 10.12
CA THR A 305 -8.63 21.21 10.12
C THR A 305 -7.59 21.85 11.02
N ASP A 306 -6.86 21.05 11.81
CA ASP A 306 -5.91 21.59 12.79
C ASP A 306 -4.45 21.68 12.33
N HIS A 307 -4.18 21.23 11.12
CA HIS A 307 -2.86 21.26 10.49
C HIS A 307 -1.82 20.31 11.10
N GLU A 308 -2.26 19.38 11.93
CA GLU A 308 -1.37 18.49 12.68
C GLU A 308 -1.11 17.14 12.01
N GLY A 309 -1.75 16.87 10.88
CA GLY A 309 -1.79 15.53 10.33
C GLY A 309 -0.63 15.05 9.49
N THR A 310 0.46 15.82 9.41
CA THR A 310 1.63 15.38 8.63
C THR A 310 2.89 15.35 9.48
N VAL A 311 3.88 14.62 8.99
CA VAL A 311 5.23 14.56 9.59
CA VAL A 311 5.22 14.57 9.59
C VAL A 311 6.09 15.73 9.11
N ASP A 312 5.82 16.22 7.91
CA ASP A 312 6.72 17.16 7.24
C ASP A 312 6.03 18.17 6.35
N GLY A 313 4.73 18.31 6.50
CA GLY A 313 3.95 19.19 5.64
C GLY A 313 3.26 18.52 4.49
N THR A 314 3.74 17.35 4.08
CA THR A 314 3.20 16.63 2.92
C THR A 314 2.71 15.25 3.28
N HIS A 315 3.54 14.49 3.98
CA HIS A 315 3.31 13.07 4.22
C HIS A 315 2.54 12.90 5.51
N PRO A 316 1.34 12.29 5.45
CA PRO A 316 0.54 12.12 6.64
C PRO A 316 1.26 11.28 7.69
N ASN A 317 1.00 11.61 8.96
CA ASN A 317 1.28 10.70 10.06
C ASN A 317 0.03 9.80 10.24
N ASP A 318 0.02 8.92 11.24
CA ASP A 318 -1.10 7.97 11.38
C ASP A 318 -2.41 8.68 11.73
N LEU A 319 -2.31 9.84 12.38
CA LEU A 319 -3.49 10.66 12.66
C LEU A 319 -4.03 11.22 11.35
N GLY A 320 -3.15 11.77 10.53
CA GLY A 320 -3.58 12.25 9.21
C GLY A 320 -4.22 11.15 8.35
N PHE A 321 -3.60 9.97 8.31
CA PHE A 321 -4.18 8.85 7.59
C PHE A 321 -5.53 8.44 8.17
N ASP A 322 -5.68 8.48 9.49
CA ASP A 322 -6.95 8.14 10.11
C ASP A 322 -8.05 9.08 9.59
N ARG A 323 -7.73 10.37 9.54
CA ARG A 323 -8.68 11.36 9.06
C ARG A 323 -8.98 11.16 7.58
N LEU A 325 -8.89 8.38 5.85
CA LEU A 325 -9.71 7.17 5.69
C LEU A 325 -11.17 7.42 6.04
N LYS A 326 -11.41 8.27 7.01
CA LYS A 326 -12.79 8.66 7.34
C LYS A 326 -13.50 9.39 6.20
N LYS A 327 -12.76 10.01 5.29
CA LYS A 327 -13.34 10.60 4.07
C LYS A 327 -13.35 9.61 2.90
N TYR A 328 -12.27 8.85 2.73
CA TYR A 328 -12.14 7.93 1.62
C TYR A 328 -13.19 6.81 1.70
N LYS A 329 -13.40 6.27 2.89
CA LYS A 329 -14.27 5.13 3.02
C LYS A 329 -15.71 5.37 2.52
N PRO A 330 -16.39 6.43 3.00
CA PRO A 330 -17.76 6.62 2.47
C PRO A 330 -17.78 6.88 0.98
N ALA A 331 -16.76 7.55 0.44
CA ALA A 331 -16.73 7.85 -1.00
C ALA A 331 -16.55 6.56 -1.82
N ILE A 332 -15.59 5.75 -1.42
CA ILE A 332 -15.34 4.47 -2.07
C ILE A 332 -16.52 3.51 -1.90
N SER A 333 -17.12 3.51 -0.71
CA SER A 333 -18.24 2.63 -0.44
CA SER A 333 -18.28 2.66 -0.42
C SER A 333 -19.39 2.91 -1.41
N LYS A 334 -19.71 4.18 -1.61
CA LYS A 334 -20.78 4.58 -2.54
C LYS A 334 -20.49 4.16 -3.98
N ILE A 335 -19.26 4.32 -4.42
CA ILE A 335 -18.90 4.08 -5.80
C ILE A 335 -18.78 2.60 -6.11
N LEU A 336 -18.05 1.87 -5.27
CA LEU A 336 -17.73 0.46 -5.49
C LEU A 336 -18.64 -0.51 -4.76
N LYS A 337 -19.54 0.00 -3.93
CA LYS A 337 -20.48 -0.84 -3.18
C LYS A 337 -19.70 -1.82 -2.28
N ILE A 338 -18.71 -1.28 -1.60
CA ILE A 338 -17.89 -2.02 -0.63
C ILE A 338 -18.23 -1.47 0.74
N LYS A 339 -18.56 -2.35 1.68
CA LYS A 339 -18.88 -1.96 3.05
C LYS A 339 -17.58 -1.98 3.87
N PHE A 340 -17.35 -0.93 4.62
CA PHE A 340 -16.25 -0.90 5.59
C PHE A 340 -16.81 -1.09 6.99
N LYS A 341 -16.11 -1.87 7.80
CA LYS A 341 -16.59 -2.21 9.15
C LYS A 341 -16.62 -0.94 10.03
N ALA A 342 -17.70 -0.76 10.81
CA ALA A 342 -17.85 0.41 11.69
C ALA A 342 -16.88 0.35 12.89
#